data_4X2F
#
_entry.id   4X2F
#
_cell.length_a   42.250
_cell.length_b   77.530
_cell.length_c   89.850
_cell.angle_alpha   90.000
_cell.angle_beta   90.000
_cell.angle_gamma   90.000
#
_symmetry.space_group_name_H-M   'P 21 21 21'
#
loop_
_entity.id
_entity.type
_entity.pdbx_description
1 polymer 'TGF-beta receptor type-1'
2 non-polymer 4-amino-8-(4-aminophenyl)pyrido[2,3-d]pyrimidin-5(8H)-one
3 non-polymer 'SULFATE ION'
4 water water
#
_entity_poly.entity_id   1
_entity_poly.type   'polypeptide(L)'
_entity_poly.pdbx_seq_one_letter_code
;GTIARTIVLQESIGKGRFGEVWRGKWRGEEVAVKIFSSREERSWFREAEIYQTVMLRHENILGFIAADNKDNGTWTQLWL
VSDYHEHGSLFDYLNRYTVTVEGMIKLALSTASGLAHLHMEIVGTQGKPAIAHRDLKSKNILVKKNGTCCIADLGLAVRH
DSATDTIDIAPNHRVGTKRYMAPEVLDDSINMKHFESFKRADIYAMGLVFWEIARRCSIGGIHEDYQLPYYDLVPSDPSV
EEMRKVVCEQKLRPNIPNRWQSCEALRVMAKIMRECWYANGAARLTALRIKKTLSQLSQQEGIKM
;
_entity_poly.pdbx_strand_id   A
#
loop_
_chem_comp.id
_chem_comp.type
_chem_comp.name
_chem_comp.formula
3WJ non-polymer 4-amino-8-(4-aminophenyl)pyrido[2,3-d]pyrimidin-5(8H)-one 'C13 H11 N5 O'
SO4 non-polymer 'SULFATE ION' 'O4 S -2'
#
# COMPACT_ATOMS: atom_id res chain seq x y z
N GLY A 1 4.87 28.43 3.73
CA GLY A 1 6.11 28.60 2.98
C GLY A 1 5.94 28.87 1.52
N THR A 2 7.06 28.85 0.78
CA THR A 2 7.04 29.26 -0.62
C THR A 2 6.26 28.36 -1.56
N ILE A 3 6.05 27.08 -1.19
CA ILE A 3 5.30 26.19 -2.06
C ILE A 3 3.82 26.36 -1.76
N ALA A 4 3.43 26.23 -0.47
CA ALA A 4 2.01 26.33 -0.14
C ALA A 4 1.40 27.65 -0.57
N ARG A 5 2.15 28.76 -0.48
CA ARG A 5 1.58 30.05 -0.85
C ARG A 5 1.21 30.13 -2.34
N THR A 6 1.78 29.23 -3.17
CA THR A 6 1.54 29.22 -4.61
C THR A 6 0.57 28.10 -5.02
N ILE A 7 -0.04 27.39 -4.06
CA ILE A 7 -0.94 26.32 -4.38
C ILE A 7 -2.37 26.73 -4.12
N VAL A 8 -3.26 26.38 -5.03
CA VAL A 8 -4.70 26.66 -4.89
C VAL A 8 -5.39 25.32 -4.73
N LEU A 9 -6.11 25.16 -3.62
CA LEU A 9 -6.86 23.95 -3.35
C LEU A 9 -8.15 24.00 -4.16
N GLN A 10 -8.44 22.93 -4.90
CA GLN A 10 -9.59 22.93 -5.81
C GLN A 10 -10.73 22.08 -5.29
N GLU A 11 -10.42 21.03 -4.54
CA GLU A 11 -11.47 20.07 -4.14
C GLU A 11 -10.93 19.16 -3.03
N SER A 12 -11.75 18.94 -2.00
CA SER A 12 -11.43 18.00 -0.93
C SER A 12 -11.88 16.65 -1.48
N ILE A 13 -10.95 15.67 -1.58
CA ILE A 13 -11.25 14.38 -2.24
C ILE A 13 -11.31 13.19 -1.29
N GLY A 14 -10.82 13.36 -0.08
CA GLY A 14 -10.82 12.24 0.85
C GLY A 14 -10.54 12.68 2.27
N LYS A 15 -11.17 12.21 3.25
CA LYS A 15 -10.99 12.49 4.67
C LYS A 15 -10.57 11.19 5.29
N GLY A 16 -9.67 11.05 6.01
CA GLY A 16 -9.30 9.84 6.72
C GLY A 16 -9.04 10.09 8.18
N ARG A 17 -8.55 9.05 8.85
CA ARG A 17 -8.21 9.10 10.26
C ARG A 17 -7.01 10.01 10.41
N PHE A 18 -6.11 10.02 9.38
CA PHE A 18 -4.91 10.83 9.34
C PHE A 18 -4.89 11.83 8.18
N GLY A 19 -5.34 13.05 8.48
CA GLY A 19 -5.38 14.18 7.54
C GLY A 19 -6.46 14.10 6.47
N GLU A 20 -6.61 15.20 5.70
CA GLU A 20 -7.61 15.31 4.64
C GLU A 20 -6.89 15.53 3.33
N VAL A 21 -7.26 14.79 2.28
CA VAL A 21 -6.58 14.92 1.00
C VAL A 21 -7.36 15.81 0.05
N TRP A 22 -6.66 16.77 -0.54
CA TRP A 22 -7.20 17.72 -1.49
C TRP A 22 -6.51 17.58 -2.83
N ARG A 23 -7.22 17.95 -3.88
CA ARG A 23 -6.64 18.13 -5.21
C ARG A 23 -6.35 19.63 -5.29
N GLY A 24 -5.11 19.98 -5.61
CA GLY A 24 -4.70 21.36 -5.75
C GLY A 24 -3.98 21.60 -7.05
N LYS A 25 -3.63 22.87 -7.30
CA LYS A 25 -2.91 23.23 -8.51
C LYS A 25 -1.64 23.94 -8.06
N TRP A 26 -0.48 23.49 -8.57
CA TRP A 26 0.82 24.09 -8.26
C TRP A 26 1.52 24.33 -9.56
N ARG A 27 1.88 25.59 -9.84
CA ARG A 27 2.61 25.90 -11.08
C ARG A 27 1.87 25.30 -12.31
N GLY A 28 0.53 25.40 -12.30
CA GLY A 28 -0.36 24.93 -13.36
C GLY A 28 -0.60 23.44 -13.43
N GLU A 29 -0.01 22.67 -12.50
CA GLU A 29 -0.09 21.21 -12.48
C GLU A 29 -0.94 20.75 -11.32
N GLU A 30 -1.67 19.65 -11.51
CA GLU A 30 -2.44 19.09 -10.41
C GLU A 30 -1.51 18.39 -9.43
N VAL A 31 -1.73 18.62 -8.14
CA VAL A 31 -1.00 17.97 -7.06
C VAL A 31 -1.98 17.49 -6.02
N ALA A 32 -1.57 16.53 -5.18
CA ALA A 32 -2.39 16.13 -4.06
C ALA A 32 -1.81 16.81 -2.83
N VAL A 33 -2.68 17.33 -1.97
CA VAL A 33 -2.22 17.96 -0.76
C VAL A 33 -2.92 17.30 0.39
N LYS A 34 -2.16 16.67 1.29
CA LYS A 34 -2.73 16.11 2.50
C LYS A 34 -2.56 17.16 3.59
N ILE A 35 -3.69 17.54 4.22
CA ILE A 35 -3.71 18.61 5.20
C ILE A 35 -4.06 18.08 6.57
N PHE A 36 -3.27 18.52 7.56
CA PHE A 36 -3.44 18.14 8.96
C PHE A 36 -3.61 19.39 9.77
N SER A 37 -4.35 19.27 10.88
CA SER A 37 -4.51 20.38 11.79
C SER A 37 -3.28 20.47 12.70
N SER A 38 -3.20 21.55 13.46
CA SER A 38 -2.11 21.80 14.41
C SER A 38 -2.02 20.70 15.45
N ARG A 39 -3.14 20.06 15.81
CA ARG A 39 -3.10 19.02 16.83
C ARG A 39 -2.70 17.64 16.27
N GLU A 40 -2.43 17.56 14.93
CA GLU A 40 -2.01 16.31 14.28
C GLU A 40 -0.54 16.46 13.79
N GLU A 41 0.25 17.32 14.44
N GLU A 41 0.24 17.34 14.44
CA GLU A 41 1.64 17.59 14.05
CA GLU A 41 1.63 17.57 14.04
C GLU A 41 2.52 16.33 14.09
C GLU A 41 2.43 16.28 14.01
N ARG A 42 2.27 15.41 15.03
CA ARG A 42 3.07 14.17 15.11
C ARG A 42 2.87 13.29 13.90
N SER A 43 1.60 13.12 13.44
CA SER A 43 1.33 12.30 12.26
CA SER A 43 1.29 12.33 12.26
C SER A 43 1.87 12.98 10.99
N TRP A 44 1.71 14.30 10.89
CA TRP A 44 2.21 15.02 9.75
C TRP A 44 3.75 14.88 9.67
N PHE A 45 4.43 15.13 10.78
CA PHE A 45 5.89 15.09 10.79
C PHE A 45 6.42 13.70 10.48
N ARG A 46 5.78 12.67 11.06
CA ARG A 46 6.26 11.31 10.79
C ARG A 46 6.07 10.92 9.33
N GLU A 47 4.97 11.35 8.71
CA GLU A 47 4.77 11.02 7.30
C GLU A 47 5.79 11.81 6.46
N ALA A 48 6.03 13.10 6.79
CA ALA A 48 7.08 13.84 6.06
C ALA A 48 8.44 13.13 6.20
N GLU A 49 8.76 12.63 7.42
CA GLU A 49 10.01 11.94 7.68
C GLU A 49 10.14 10.69 6.79
N ILE A 50 9.09 9.86 6.73
CA ILE A 50 9.19 8.67 5.89
C ILE A 50 9.35 9.04 4.42
N TYR A 51 8.57 10.00 3.93
CA TYR A 51 8.68 10.35 2.53
C TYR A 51 10.01 11.00 2.17
N GLN A 52 10.79 11.46 3.17
CA GLN A 52 12.08 12.08 2.87
C GLN A 52 13.22 11.10 3.03
N THR A 53 12.91 9.80 3.26
CA THR A 53 13.96 8.81 3.38
C THR A 53 14.86 8.85 2.16
N VAL A 54 16.16 8.76 2.41
CA VAL A 54 17.14 8.76 1.32
C VAL A 54 16.84 7.63 0.36
N MET A 55 16.94 7.93 -0.97
N MET A 55 16.92 7.93 -0.97
CA MET A 55 16.76 6.99 -2.07
CA MET A 55 16.74 6.94 -2.03
C MET A 55 15.37 6.32 -2.13
C MET A 55 15.36 6.27 -2.08
N LEU A 56 14.36 6.91 -1.50
CA LEU A 56 13.05 6.31 -1.50
C LEU A 56 12.38 6.33 -2.89
N ARG A 57 12.60 7.41 -3.67
CA ARG A 57 11.85 7.58 -4.92
C ARG A 57 11.94 6.40 -5.84
N HIS A 58 10.78 6.06 -6.41
CA HIS A 58 10.66 4.90 -7.27
C HIS A 58 9.38 5.07 -8.05
N GLU A 59 9.33 4.53 -9.27
CA GLU A 59 8.11 4.69 -10.08
C GLU A 59 6.87 4.13 -9.42
N ASN A 60 7.04 3.14 -8.51
CA ASN A 60 5.90 2.50 -7.87
C ASN A 60 5.71 2.92 -6.41
N ILE A 61 6.27 4.09 -6.01
N ILE A 61 6.29 4.09 -6.03
CA ILE A 61 6.01 4.68 -4.71
CA ILE A 61 6.09 4.73 -4.74
C ILE A 61 5.55 6.12 -4.98
C ILE A 61 5.53 6.13 -5.04
N LEU A 62 4.48 6.57 -4.31
CA LEU A 62 3.96 7.93 -4.53
C LEU A 62 5.10 8.97 -4.43
N GLY A 63 5.18 9.83 -5.46
CA GLY A 63 6.21 10.87 -5.54
C GLY A 63 5.87 12.01 -4.59
N PHE A 64 6.73 12.22 -3.61
CA PHE A 64 6.60 13.28 -2.62
C PHE A 64 7.23 14.54 -3.13
N ILE A 65 6.55 15.68 -2.94
CA ILE A 65 7.08 16.99 -3.35
C ILE A 65 7.66 17.74 -2.15
N ALA A 66 6.80 18.03 -1.14
CA ALA A 66 7.26 18.81 0.01
C ALA A 66 6.31 18.83 1.13
N ALA A 67 6.85 19.08 2.31
CA ALA A 67 6.13 19.41 3.50
C ALA A 67 6.08 20.95 3.52
N ASP A 68 4.99 21.48 4.08
CA ASP A 68 4.86 22.93 4.21
C ASP A 68 3.78 23.23 5.25
N ASN A 69 3.64 24.54 5.58
N ASN A 69 3.48 24.50 5.45
CA ASN A 69 2.69 25.10 6.55
CA ASN A 69 2.38 24.87 6.30
C ASN A 69 1.97 26.27 5.87
C ASN A 69 1.84 26.14 5.72
N LYS A 70 0.63 26.42 6.09
CA LYS A 70 -0.10 27.59 5.53
C LYS A 70 -0.96 28.18 6.62
N ASP A 71 -0.77 29.48 6.83
CA ASP A 71 -1.56 30.22 7.84
C ASP A 71 -2.58 31.06 7.08
N ASN A 72 -3.86 30.78 7.29
CA ASN A 72 -4.91 31.50 6.59
C ASN A 72 -5.29 32.81 7.26
N GLY A 73 -4.67 33.12 8.39
CA GLY A 73 -4.96 34.31 9.18
C GLY A 73 -5.71 33.96 10.45
N THR A 74 -6.26 32.74 10.55
CA THR A 74 -6.98 32.25 11.74
C THR A 74 -6.30 31.02 12.31
N TRP A 75 -6.00 30.05 11.46
CA TRP A 75 -5.30 28.87 11.93
C TRP A 75 -4.27 28.41 10.94
N THR A 76 -3.36 27.56 11.41
CA THR A 76 -2.31 27.00 10.56
C THR A 76 -2.71 25.59 10.11
N GLN A 77 -2.42 25.29 8.84
CA GLN A 77 -2.63 23.98 8.24
C GLN A 77 -1.22 23.41 8.01
N LEU A 78 -1.05 22.11 8.29
CA LEU A 78 0.23 21.42 8.01
C LEU A 78 0.03 20.59 6.73
N TRP A 79 0.86 20.83 5.72
CA TRP A 79 0.65 20.22 4.39
C TRP A 79 1.71 19.22 4.00
N LEU A 80 1.29 18.19 3.26
CA LEU A 80 2.20 17.29 2.58
C LEU A 80 1.75 17.27 1.13
N VAL A 81 2.60 17.73 0.21
CA VAL A 81 2.28 17.86 -1.20
C VAL A 81 2.93 16.70 -1.94
N SER A 82 2.17 16.06 -2.82
N SER A 82 2.14 15.99 -2.75
CA SER A 82 2.65 14.94 -3.61
CA SER A 82 2.60 14.84 -3.53
C SER A 82 2.11 14.98 -5.02
C SER A 82 2.00 14.86 -4.92
N ASP A 83 2.51 13.97 -5.80
CA ASP A 83 1.98 13.85 -7.14
C ASP A 83 0.48 13.49 -7.04
N TYR A 84 -0.28 13.90 -8.05
CA TYR A 84 -1.70 13.60 -8.11
C TYR A 84 -1.96 12.55 -9.14
N HIS A 85 -2.77 11.54 -8.75
CA HIS A 85 -3.16 10.45 -9.67
C HIS A 85 -4.67 10.43 -9.82
N GLU A 86 -5.14 10.90 -10.99
CA GLU A 86 -6.56 11.06 -11.30
C GLU A 86 -7.40 9.81 -11.07
N HIS A 87 -6.85 8.61 -11.36
CA HIS A 87 -7.65 7.41 -11.12
C HIS A 87 -7.93 7.17 -9.63
N GLY A 88 -7.15 7.78 -8.74
CA GLY A 88 -7.33 7.53 -7.33
C GLY A 88 -6.83 6.16 -6.95
N SER A 89 -7.47 5.56 -5.96
CA SER A 89 -6.99 4.31 -5.42
C SER A 89 -7.28 3.12 -6.30
N LEU A 90 -6.52 2.05 -6.03
CA LEU A 90 -6.75 0.76 -6.67
C LEU A 90 -8.15 0.24 -6.31
N PHE A 91 -8.60 0.51 -5.06
CA PHE A 91 -9.97 0.14 -4.67
C PHE A 91 -10.97 0.86 -5.58
N ASP A 92 -10.82 2.17 -5.75
CA ASP A 92 -11.77 2.87 -6.66
C ASP A 92 -11.69 2.33 -8.09
N TYR A 93 -10.46 2.12 -8.58
CA TYR A 93 -10.22 1.64 -9.95
C TYR A 93 -10.88 0.27 -10.18
N LEU A 94 -10.73 -0.65 -9.21
CA LEU A 94 -11.27 -2.00 -9.34
C LEU A 94 -12.77 -2.02 -9.18
N ASN A 95 -13.35 -1.04 -8.47
CA ASN A 95 -14.80 -0.96 -8.37
C ASN A 95 -15.34 -0.43 -9.70
N ARG A 96 -14.65 0.55 -10.33
CA ARG A 96 -15.16 1.14 -11.57
C ARG A 96 -14.93 0.28 -12.80
N TYR A 97 -13.81 -0.46 -12.83
CA TYR A 97 -13.42 -1.19 -14.03
C TYR A 97 -13.15 -2.65 -13.84
N THR A 98 -13.18 -3.38 -14.96
CA THR A 98 -12.67 -4.73 -15.03
C THR A 98 -11.34 -4.52 -15.74
N VAL A 99 -10.45 -5.51 -15.67
CA VAL A 99 -9.14 -5.40 -16.29
C VAL A 99 -8.90 -6.58 -17.23
N THR A 100 -7.99 -6.40 -18.17
CA THR A 100 -7.57 -7.48 -19.04
C THR A 100 -6.49 -8.25 -18.27
N VAL A 101 -6.04 -9.39 -18.82
CA VAL A 101 -4.93 -10.18 -18.26
C VAL A 101 -3.70 -9.27 -18.20
N GLU A 102 -3.43 -8.51 -19.30
CA GLU A 102 -2.32 -7.56 -19.34
C GLU A 102 -2.49 -6.52 -18.21
N GLY A 103 -3.70 -5.98 -18.08
CA GLY A 103 -4.01 -4.98 -17.04
C GLY A 103 -3.77 -5.51 -15.64
N MET A 104 -4.19 -6.74 -15.38
CA MET A 104 -4.01 -7.35 -14.05
C MET A 104 -2.52 -7.51 -13.75
N ILE A 105 -1.76 -8.04 -14.71
CA ILE A 105 -0.32 -8.25 -14.49
C ILE A 105 0.38 -6.93 -14.23
N LYS A 106 0.03 -5.87 -14.98
CA LYS A 106 0.63 -4.55 -14.80
C LYS A 106 0.36 -4.02 -13.40
N LEU A 107 -0.89 -4.19 -12.89
CA LEU A 107 -1.21 -3.72 -11.54
C LEU A 107 -0.49 -4.53 -10.47
N ALA A 108 -0.44 -5.85 -10.63
CA ALA A 108 0.19 -6.70 -9.62
C ALA A 108 1.71 -6.55 -9.63
N LEU A 109 2.33 -6.55 -10.81
CA LEU A 109 3.77 -6.43 -10.90
C LEU A 109 4.23 -5.07 -10.38
N SER A 110 3.49 -3.99 -10.72
CA SER A 110 3.91 -2.67 -10.22
C SER A 110 3.77 -2.57 -8.69
N THR A 111 2.70 -3.18 -8.11
CA THR A 111 2.56 -3.17 -6.65
C THR A 111 3.73 -3.90 -6.02
N ALA A 112 4.05 -5.11 -6.55
CA ALA A 112 5.16 -5.89 -6.01
C ALA A 112 6.48 -5.14 -6.15
N SER A 113 6.70 -4.45 -7.27
CA SER A 113 7.94 -3.71 -7.48
CA SER A 113 7.94 -3.70 -7.50
C SER A 113 8.08 -2.58 -6.48
N GLY A 114 6.97 -1.88 -6.21
CA GLY A 114 6.99 -0.83 -5.22
C GLY A 114 7.29 -1.38 -3.83
N LEU A 115 6.65 -2.52 -3.49
CA LEU A 115 6.85 -3.10 -2.16
C LEU A 115 8.26 -3.66 -2.04
N ALA A 116 8.79 -4.24 -3.13
CA ALA A 116 10.16 -4.75 -3.11
C ALA A 116 11.13 -3.59 -2.88
N HIS A 117 10.90 -2.42 -3.51
CA HIS A 117 11.78 -1.27 -3.27
C HIS A 117 11.64 -0.79 -1.82
N LEU A 118 10.41 -0.68 -1.30
CA LEU A 118 10.23 -0.25 0.08
C LEU A 118 11.02 -1.18 1.00
N HIS A 119 10.85 -2.49 0.84
CA HIS A 119 11.51 -3.50 1.70
C HIS A 119 13.02 -3.59 1.55
N MET A 120 13.57 -3.06 0.45
CA MET A 120 14.99 -3.24 0.16
C MET A 120 15.91 -2.30 0.93
N GLU A 121 16.94 -2.88 1.57
CA GLU A 121 17.98 -2.07 2.16
C GLU A 121 19.04 -1.84 1.07
N ILE A 122 19.50 -0.60 0.94
CA ILE A 122 20.58 -0.22 0.02
C ILE A 122 21.69 0.28 0.93
N VAL A 123 22.82 -0.40 0.92
CA VAL A 123 23.93 -0.07 1.80
C VAL A 123 24.80 0.99 1.12
N GLY A 124 25.31 1.94 1.90
CA GLY A 124 26.20 2.97 1.36
C GLY A 124 26.00 4.33 1.99
N THR A 125 26.81 5.32 1.56
CA THR A 125 26.71 6.69 2.06
C THR A 125 25.31 7.27 1.86
N GLN A 126 24.74 7.05 0.66
CA GLN A 126 23.38 7.48 0.37
C GLN A 126 22.50 6.24 0.44
N GLY A 127 22.64 5.50 1.53
CA GLY A 127 21.92 4.26 1.73
C GLY A 127 20.47 4.48 2.05
N LYS A 128 19.68 3.48 1.73
CA LYS A 128 18.27 3.49 2.01
C LYS A 128 18.01 2.39 3.05
N PRO A 129 17.30 2.69 4.15
CA PRO A 129 16.96 1.63 5.09
C PRO A 129 15.78 0.84 4.52
N ALA A 130 15.66 -0.42 4.92
CA ALA A 130 14.46 -1.17 4.60
C ALA A 130 13.28 -0.56 5.34
N ILE A 131 12.10 -0.55 4.69
CA ILE A 131 10.91 0.05 5.28
C ILE A 131 9.77 -0.95 5.16
N ALA A 132 8.98 -1.09 6.20
CA ALA A 132 7.77 -1.92 6.13
C ALA A 132 6.58 -0.98 6.25
N HIS A 133 5.56 -1.19 5.44
CA HIS A 133 4.44 -0.25 5.32
C HIS A 133 3.50 -0.29 6.53
N ARG A 134 3.09 -1.52 6.94
CA ARG A 134 2.18 -1.77 8.06
C ARG A 134 0.70 -1.49 7.79
N ASP A 135 0.33 -0.94 6.62
CA ASP A 135 -1.07 -0.69 6.35
C ASP A 135 -1.34 -0.81 4.86
N LEU A 136 -0.77 -1.84 4.22
CA LEU A 136 -1.00 -2.00 2.79
C LEU A 136 -2.43 -2.50 2.54
N LYS A 137 -3.12 -1.89 1.58
CA LYS A 137 -4.51 -2.24 1.24
C LYS A 137 -4.83 -1.60 -0.09
N SER A 138 -5.92 -2.03 -0.76
CA SER A 138 -6.24 -1.45 -2.06
C SER A 138 -6.61 0.04 -1.96
N LYS A 139 -7.10 0.48 -0.80
CA LYS A 139 -7.43 1.90 -0.65
C LYS A 139 -6.17 2.79 -0.50
N ASN A 140 -4.98 2.20 -0.26
CA ASN A 140 -3.67 2.88 -0.06
C ASN A 140 -2.71 2.74 -1.23
N ILE A 141 -3.18 2.14 -2.31
CA ILE A 141 -2.39 2.01 -3.49
C ILE A 141 -3.06 2.89 -4.54
N LEU A 142 -2.29 3.69 -5.30
CA LEU A 142 -2.91 4.54 -6.31
C LEU A 142 -2.62 4.01 -7.69
N VAL A 143 -3.48 4.33 -8.66
CA VAL A 143 -3.28 3.84 -10.04
C VAL A 143 -2.93 5.05 -10.92
N LYS A 144 -1.80 4.94 -11.62
CA LYS A 144 -1.29 5.99 -12.48
C LYS A 144 -1.97 5.93 -13.83
N LYS A 145 -1.79 7.02 -14.63
CA LYS A 145 -2.40 7.08 -15.95
C LYS A 145 -1.97 5.89 -16.82
N ASN A 146 -0.73 5.42 -16.66
CA ASN A 146 -0.25 4.32 -17.47
C ASN A 146 -0.72 2.92 -17.05
N GLY A 147 -1.64 2.83 -16.08
CA GLY A 147 -2.16 1.54 -15.64
C GLY A 147 -1.27 0.78 -14.67
N THR A 148 -0.27 1.45 -14.12
CA THR A 148 0.58 0.84 -13.09
C THR A 148 0.27 1.50 -11.77
N CYS A 149 0.66 0.85 -10.68
CA CYS A 149 0.36 1.30 -9.33
C CYS A 149 1.52 2.01 -8.68
N CYS A 150 1.19 2.80 -7.67
CA CYS A 150 2.19 3.30 -6.75
C CYS A 150 1.68 3.21 -5.32
N ILE A 151 2.53 2.73 -4.44
CA ILE A 151 2.17 2.61 -3.04
C ILE A 151 2.18 3.98 -2.38
N ALA A 152 1.12 4.27 -1.62
CA ALA A 152 0.98 5.56 -0.94
C ALA A 152 0.65 5.36 0.54
N ASP A 153 0.29 6.42 1.23
CA ASP A 153 -0.06 6.43 2.65
C ASP A 153 0.99 5.70 3.49
N LEU A 154 2.21 6.19 3.36
CA LEU A 154 3.37 5.63 4.08
C LEU A 154 3.51 6.11 5.53
N GLY A 155 2.53 6.86 6.05
CA GLY A 155 2.64 7.45 7.38
C GLY A 155 2.82 6.50 8.54
N LEU A 156 2.36 5.23 8.39
CA LEU A 156 2.49 4.26 9.48
C LEU A 156 3.70 3.38 9.34
N ALA A 157 4.56 3.65 8.35
CA ALA A 157 5.69 2.81 8.10
C ALA A 157 6.72 2.78 9.23
N VAL A 158 7.52 1.71 9.25
CA VAL A 158 8.64 1.58 10.18
C VAL A 158 9.91 1.35 9.38
N ARG A 159 11.04 1.87 9.87
CA ARG A 159 12.30 1.72 9.16
C ARG A 159 13.28 0.91 9.98
N HIS A 160 14.09 0.12 9.30
CA HIS A 160 15.05 -0.77 9.95
C HIS A 160 16.45 -0.18 10.03
N ASP A 161 17.14 -0.40 11.17
CA ASP A 161 18.57 -0.11 11.38
C ASP A 161 19.23 -1.47 11.32
N SER A 162 19.81 -1.82 10.17
CA SER A 162 20.34 -3.17 9.98
C SER A 162 21.54 -3.53 10.81
N ALA A 163 22.39 -2.55 11.17
CA ALA A 163 23.60 -2.82 11.95
C ALA A 163 23.27 -3.39 13.33
N THR A 164 22.20 -2.88 13.95
CA THR A 164 21.77 -3.30 15.29
C THR A 164 20.51 -4.15 15.25
N ASP A 165 19.86 -4.27 14.07
CA ASP A 165 18.60 -5.04 13.92
C ASP A 165 17.53 -4.47 14.86
N THR A 166 17.31 -3.15 14.77
CA THR A 166 16.31 -2.43 15.56
C THR A 166 15.44 -1.63 14.61
N ILE A 167 14.28 -1.19 15.12
CA ILE A 167 13.28 -0.44 14.34
C ILE A 167 13.25 0.99 14.84
N ASP A 168 13.21 1.98 13.90
CA ASP A 168 13.36 3.38 14.26
C ASP A 168 12.37 3.90 15.31
N ILE A 169 11.10 3.51 15.25
CA ILE A 169 10.14 3.99 16.24
C ILE A 169 9.74 2.93 17.27
N ALA A 170 10.48 1.79 17.31
CA ALA A 170 10.25 0.72 18.28
C ALA A 170 8.74 0.47 18.53
N PRO A 171 8.03 -0.04 17.50
CA PRO A 171 6.59 -0.27 17.63
C PRO A 171 6.22 -1.24 18.74
N ASN A 172 5.23 -0.86 19.56
CA ASN A 172 4.78 -1.67 20.69
C ASN A 172 3.27 -1.94 20.66
N HIS A 173 2.61 -1.50 19.58
CA HIS A 173 1.18 -1.70 19.42
C HIS A 173 0.79 -1.93 17.99
N ARG A 174 -0.31 -2.63 17.82
CA ARG A 174 -0.91 -2.96 16.55
C ARG A 174 -1.42 -1.69 15.86
N VAL A 175 -1.20 -1.57 14.55
CA VAL A 175 -1.70 -0.45 13.79
C VAL A 175 -2.24 -1.08 12.50
N GLY A 176 -2.89 -0.27 11.72
CA GLY A 176 -3.31 -0.70 10.39
C GLY A 176 -4.76 -1.06 10.31
N THR A 177 -5.16 -1.42 9.11
CA THR A 177 -6.52 -1.77 8.78
C THR A 177 -6.78 -3.22 9.17
N LYS A 178 -7.80 -3.42 9.99
CA LYS A 178 -8.05 -4.75 10.58
C LYS A 178 -8.27 -5.86 9.56
N ARG A 179 -9.02 -5.54 8.48
CA ARG A 179 -9.31 -6.56 7.47
C ARG A 179 -8.03 -7.14 6.85
N TYR A 180 -6.95 -6.33 6.73
CA TYR A 180 -5.73 -6.76 6.07
C TYR A 180 -4.63 -7.22 7.04
N MET A 181 -4.93 -7.27 8.33
CA MET A 181 -3.94 -7.69 9.32
C MET A 181 -3.56 -9.12 9.17
N ALA A 182 -2.25 -9.36 9.23
CA ALA A 182 -1.77 -10.73 9.08
C ALA A 182 -2.17 -11.57 10.29
N PRO A 183 -2.22 -12.90 10.14
CA PRO A 183 -2.60 -13.75 11.28
C PRO A 183 -1.83 -13.45 12.57
N GLU A 184 -0.53 -13.28 12.44
CA GLU A 184 0.34 -13.01 13.61
C GLU A 184 0.09 -11.63 14.24
N VAL A 185 -0.46 -10.69 13.46
CA VAL A 185 -0.79 -9.38 13.99
C VAL A 185 -2.14 -9.50 14.72
N LEU A 186 -3.11 -10.24 14.12
CA LEU A 186 -4.41 -10.44 14.76
C LEU A 186 -4.30 -11.18 16.09
N ASP A 187 -3.45 -12.22 16.19
CA ASP A 187 -3.37 -12.97 17.45
C ASP A 187 -2.28 -12.47 18.37
N ASP A 188 -1.61 -11.36 17.98
CA ASP A 188 -0.55 -10.69 18.73
C ASP A 188 0.68 -11.58 19.03
N SER A 189 0.92 -12.60 18.18
CA SER A 189 2.10 -13.45 18.31
C SER A 189 3.31 -12.82 17.62
N ILE A 190 3.09 -11.82 16.74
CA ILE A 190 4.20 -11.18 16.04
C ILE A 190 5.24 -10.62 17.02
N ASN A 191 6.51 -10.81 16.70
CA ASN A 191 7.59 -10.23 17.50
C ASN A 191 7.83 -8.81 16.94
N MET A 192 7.36 -7.76 17.63
CA MET A 192 7.48 -6.40 17.09
C MET A 192 8.90 -5.82 17.21
N LYS A 193 9.85 -6.61 17.76
CA LYS A 193 11.25 -6.20 17.78
C LYS A 193 11.97 -6.75 16.53
N HIS A 194 11.29 -7.60 15.75
CA HIS A 194 11.84 -8.29 14.60
C HIS A 194 11.34 -7.64 13.32
N PHE A 195 12.19 -6.81 12.70
CA PHE A 195 11.77 -6.10 11.49
C PHE A 195 11.28 -7.02 10.36
N GLU A 196 11.96 -8.16 10.12
CA GLU A 196 11.54 -9.08 9.08
C GLU A 196 10.07 -9.53 9.26
N SER A 197 9.57 -9.55 10.53
CA SER A 197 8.16 -9.92 10.76
C SER A 197 7.20 -8.88 10.13
N PHE A 198 7.60 -7.59 10.15
CA PHE A 198 6.74 -6.57 9.55
C PHE A 198 6.75 -6.72 8.04
N LYS A 199 7.90 -7.07 7.44
CA LYS A 199 7.92 -7.27 5.98
C LYS A 199 6.98 -8.42 5.61
N ARG A 200 7.04 -9.51 6.39
CA ARG A 200 6.21 -10.67 6.10
C ARG A 200 4.72 -10.36 6.21
N ALA A 201 4.35 -9.51 7.19
CA ALA A 201 2.94 -9.11 7.38
C ALA A 201 2.49 -8.28 6.16
N ASP A 202 3.38 -7.43 5.58
CA ASP A 202 3.02 -6.68 4.37
C ASP A 202 2.74 -7.64 3.21
N ILE A 203 3.49 -8.77 3.10
CA ILE A 203 3.30 -9.70 2.00
C ILE A 203 1.93 -10.35 2.09
N TYR A 204 1.48 -10.70 3.32
CA TYR A 204 0.14 -11.25 3.50
C TYR A 204 -0.90 -10.26 2.93
N ALA A 205 -0.77 -8.98 3.31
CA ALA A 205 -1.71 -7.96 2.84
C ALA A 205 -1.65 -7.82 1.32
N MET A 206 -0.43 -7.85 0.75
CA MET A 206 -0.33 -7.76 -0.72
C MET A 206 -1.06 -8.95 -1.40
N GLY A 207 -0.99 -10.15 -0.79
CA GLY A 207 -1.70 -11.30 -1.34
C GLY A 207 -3.20 -11.03 -1.41
N LEU A 208 -3.75 -10.43 -0.35
CA LEU A 208 -5.17 -10.03 -0.35
C LEU A 208 -5.46 -9.05 -1.49
N VAL A 209 -4.56 -8.04 -1.69
CA VAL A 209 -4.77 -7.08 -2.76
C VAL A 209 -4.75 -7.78 -4.12
N PHE A 210 -3.82 -8.76 -4.30
CA PHE A 210 -3.76 -9.49 -5.57
C PHE A 210 -5.09 -10.23 -5.85
N TRP A 211 -5.71 -10.78 -4.76
CA TRP A 211 -7.00 -11.44 -4.91
C TRP A 211 -8.07 -10.43 -5.39
N GLU A 212 -8.02 -9.18 -4.88
CA GLU A 212 -8.98 -8.18 -5.32
C GLU A 212 -8.83 -7.88 -6.79
N ILE A 213 -7.56 -7.83 -7.26
CA ILE A 213 -7.28 -7.52 -8.67
C ILE A 213 -7.73 -8.66 -9.57
N ALA A 214 -7.38 -9.90 -9.19
CA ALA A 214 -7.71 -11.08 -10.00
C ALA A 214 -9.19 -11.30 -10.21
N ARG A 215 -10.01 -10.95 -9.19
CA ARG A 215 -11.47 -11.07 -9.37
C ARG A 215 -11.96 -10.22 -10.54
N ARG A 216 -11.30 -9.09 -10.78
CA ARG A 216 -11.70 -8.13 -11.82
C ARG A 216 -11.10 -8.39 -13.18
N CYS A 217 -10.27 -9.43 -13.29
CA CYS A 217 -9.68 -9.82 -14.56
C CYS A 217 -10.74 -10.50 -15.40
N SER A 218 -11.08 -9.86 -16.54
CA SER A 218 -12.15 -10.36 -17.39
C SER A 218 -11.58 -11.11 -18.60
N ILE A 219 -11.89 -12.42 -18.68
CA ILE A 219 -11.45 -13.26 -19.81
C ILE A 219 -12.70 -13.86 -20.44
N GLY A 220 -12.92 -13.58 -21.71
CA GLY A 220 -14.10 -14.04 -22.42
C GLY A 220 -15.38 -13.57 -21.75
N GLY A 221 -15.32 -12.34 -21.21
CA GLY A 221 -16.43 -11.69 -20.51
C GLY A 221 -16.73 -12.21 -19.13
N ILE A 222 -15.87 -13.12 -18.60
CA ILE A 222 -16.08 -13.74 -17.29
C ILE A 222 -15.21 -13.08 -16.26
N HIS A 223 -15.84 -12.58 -15.20
CA HIS A 223 -15.17 -11.95 -14.06
C HIS A 223 -16.09 -11.97 -12.86
N GLU A 224 -15.54 -11.64 -11.69
CA GLU A 224 -16.32 -11.57 -10.45
C GLU A 224 -16.62 -10.08 -10.14
N ASP A 225 -17.66 -9.82 -9.33
CA ASP A 225 -17.93 -8.45 -8.91
C ASP A 225 -16.82 -8.00 -7.95
N TYR A 226 -16.64 -6.69 -7.82
CA TYR A 226 -15.65 -6.22 -6.87
C TYR A 226 -16.04 -6.61 -5.42
N GLN A 227 -15.09 -7.17 -4.65
CA GLN A 227 -15.29 -7.34 -3.22
C GLN A 227 -13.98 -7.13 -2.49
N LEU A 228 -14.11 -6.70 -1.24
CA LEU A 228 -13.01 -6.64 -0.31
C LEU A 228 -12.71 -8.07 0.16
N PRO A 229 -11.45 -8.35 0.51
CA PRO A 229 -11.15 -9.70 1.03
C PRO A 229 -11.96 -9.96 2.28
N TYR A 230 -12.51 -11.17 2.43
CA TYR A 230 -13.32 -11.58 3.60
C TYR A 230 -14.71 -10.98 3.58
N TYR A 231 -15.16 -10.43 2.43
CA TYR A 231 -16.52 -9.86 2.33
C TYR A 231 -17.60 -10.87 2.72
N ASP A 232 -17.27 -12.17 2.55
CA ASP A 232 -18.16 -13.33 2.71
C ASP A 232 -18.15 -13.86 4.13
N LEU A 233 -17.29 -13.29 5.01
CA LEU A 233 -17.06 -13.82 6.34
C LEU A 233 -17.10 -12.83 7.49
N VAL A 234 -16.96 -11.52 7.21
CA VAL A 234 -16.91 -10.52 8.27
C VAL A 234 -17.75 -9.32 7.87
N PRO A 235 -18.21 -8.52 8.85
CA PRO A 235 -18.94 -7.30 8.50
C PRO A 235 -18.06 -6.20 7.95
N SER A 236 -18.70 -5.11 7.43
CA SER A 236 -17.94 -3.92 7.05
C SER A 236 -17.29 -3.35 8.34
N ASP A 237 -16.09 -2.74 8.23
CA ASP A 237 -15.34 -2.21 9.38
C ASP A 237 -15.24 -3.28 10.50
N PRO A 238 -14.65 -4.45 10.16
CA PRO A 238 -14.56 -5.55 11.12
C PRO A 238 -13.63 -5.28 12.30
N SER A 239 -13.90 -5.93 13.43
CA SER A 239 -13.05 -5.76 14.60
C SER A 239 -11.88 -6.74 14.54
N VAL A 240 -10.87 -6.55 15.40
CA VAL A 240 -9.77 -7.49 15.47
C VAL A 240 -10.30 -8.89 15.85
N GLU A 241 -11.25 -8.96 16.80
CA GLU A 241 -11.80 -10.26 17.22
C GLU A 241 -12.53 -10.94 16.05
N GLU A 242 -13.33 -10.19 15.28
CA GLU A 242 -14.04 -10.76 14.12
C GLU A 242 -13.05 -11.33 13.11
N MET A 243 -11.99 -10.60 12.82
CA MET A 243 -10.99 -11.04 11.87
C MET A 243 -10.24 -12.24 12.43
N ARG A 244 -9.84 -12.18 13.73
CA ARG A 244 -9.04 -13.26 14.31
C ARG A 244 -9.80 -14.58 14.27
N LYS A 245 -11.12 -14.55 14.59
CA LYS A 245 -11.92 -15.77 14.56
C LYS A 245 -11.87 -16.44 13.19
N VAL A 246 -11.87 -15.63 12.12
CA VAL A 246 -11.89 -16.18 10.77
C VAL A 246 -10.50 -16.59 10.30
N VAL A 247 -9.51 -15.69 10.43
CA VAL A 247 -8.18 -15.90 9.85
C VAL A 247 -7.31 -16.82 10.67
N CYS A 248 -7.40 -16.69 12.02
CA CYS A 248 -6.55 -17.48 12.91
C CYS A 248 -7.19 -18.75 13.41
N GLU A 249 -8.48 -18.66 13.82
CA GLU A 249 -9.11 -19.81 14.44
C GLU A 249 -9.69 -20.78 13.41
N GLN A 250 -10.58 -20.25 12.51
CA GLN A 250 -11.15 -21.10 11.45
C GLN A 250 -10.16 -21.29 10.32
N LYS A 251 -9.10 -20.42 10.25
CA LYS A 251 -8.00 -20.57 9.28
C LYS A 251 -8.47 -20.43 7.84
N LEU A 252 -9.43 -19.52 7.62
CA LEU A 252 -9.93 -19.29 6.28
C LEU A 252 -9.17 -18.18 5.59
N ARG A 253 -9.22 -18.23 4.27
CA ARG A 253 -8.62 -17.18 3.44
C ARG A 253 -9.64 -16.86 2.35
N PRO A 254 -9.44 -15.79 1.57
CA PRO A 254 -10.39 -15.53 0.46
C PRO A 254 -10.45 -16.73 -0.48
N ASN A 255 -11.65 -17.04 -1.03
CA ASN A 255 -11.80 -18.17 -1.92
C ASN A 255 -11.11 -17.94 -3.24
N ILE A 256 -10.42 -18.98 -3.74
CA ILE A 256 -9.78 -18.94 -5.05
C ILE A 256 -10.68 -19.72 -6.01
N PRO A 257 -11.39 -19.03 -6.93
CA PRO A 257 -12.27 -19.75 -7.89
C PRO A 257 -11.52 -20.80 -8.70
N ASN A 258 -12.19 -21.96 -8.94
CA ASN A 258 -11.63 -23.10 -9.69
C ASN A 258 -11.16 -22.67 -11.08
N ARG A 259 -11.92 -21.80 -11.75
CA ARG A 259 -11.65 -21.27 -13.09
C ARG A 259 -10.35 -20.48 -13.22
N TRP A 260 -9.77 -20.01 -12.10
CA TRP A 260 -8.48 -19.32 -12.16
C TRP A 260 -7.35 -20.30 -12.55
N GLN A 261 -7.63 -21.63 -12.48
CA GLN A 261 -6.68 -22.67 -12.88
C GLN A 261 -6.70 -22.86 -14.41
N SER A 262 -7.78 -22.39 -15.09
CA SER A 262 -7.96 -22.53 -16.54
C SER A 262 -7.16 -21.50 -17.37
N CYS A 263 -6.62 -20.47 -16.72
CA CYS A 263 -5.84 -19.41 -17.36
C CYS A 263 -4.47 -19.35 -16.68
N GLU A 264 -3.37 -19.42 -17.47
CA GLU A 264 -1.99 -19.41 -16.96
C GLU A 264 -1.68 -18.19 -16.06
N ALA A 265 -2.05 -16.97 -16.49
CA ALA A 265 -1.82 -15.77 -15.68
C ALA A 265 -2.60 -15.84 -14.38
N LEU A 266 -3.86 -16.30 -14.41
CA LEU A 266 -4.62 -16.44 -13.16
C LEU A 266 -4.08 -17.57 -12.28
N ARG A 267 -3.52 -18.64 -12.90
CA ARG A 267 -2.93 -19.75 -12.16
C ARG A 267 -1.69 -19.25 -11.39
N VAL A 268 -0.85 -18.43 -12.05
CA VAL A 268 0.35 -17.85 -11.45
C VAL A 268 -0.07 -16.92 -10.29
N MET A 269 -1.09 -16.07 -10.52
CA MET A 269 -1.60 -15.17 -9.49
C MET A 269 -2.13 -15.95 -8.29
N ALA A 270 -2.94 -17.01 -8.53
CA ALA A 270 -3.51 -17.80 -7.43
C ALA A 270 -2.43 -18.48 -6.60
N LYS A 271 -1.39 -18.98 -7.27
CA LYS A 271 -0.27 -19.62 -6.57
C LYS A 271 0.46 -18.56 -5.71
N ILE A 272 0.69 -17.35 -6.24
CA ILE A 272 1.28 -16.26 -5.43
C ILE A 272 0.40 -16.01 -4.21
N MET A 273 -0.92 -15.84 -4.39
CA MET A 273 -1.82 -15.59 -3.26
C MET A 273 -1.66 -16.62 -2.17
N ARG A 274 -1.74 -17.93 -2.51
CA ARG A 274 -1.58 -18.97 -1.52
C ARG A 274 -0.27 -18.84 -0.77
N GLU A 275 0.84 -18.46 -1.49
CA GLU A 275 2.16 -18.40 -0.92
C GLU A 275 2.43 -17.08 -0.18
N CYS A 276 1.44 -16.17 -0.14
CA CYS A 276 1.42 -14.95 0.68
C CYS A 276 0.60 -15.19 1.93
N TRP A 277 -0.30 -16.17 1.89
CA TRP A 277 -1.30 -16.40 2.93
C TRP A 277 -0.98 -17.43 3.98
N TYR A 278 0.20 -18.07 3.87
CA TYR A 278 0.60 -18.99 4.90
C TYR A 278 0.50 -18.34 6.25
N ALA A 279 0.04 -19.10 7.24
CA ALA A 279 -0.02 -18.57 8.62
C ALA A 279 1.40 -18.27 9.14
N ASN A 280 2.39 -19.10 8.75
CA ASN A 280 3.77 -18.85 9.17
C ASN A 280 4.38 -17.81 8.21
N GLY A 281 4.66 -16.63 8.74
CA GLY A 281 5.24 -15.53 7.96
C GLY A 281 6.56 -15.90 7.28
N ALA A 282 7.38 -16.75 7.94
CA ALA A 282 8.69 -17.16 7.35
C ALA A 282 8.55 -18.01 6.09
N ALA A 283 7.34 -18.60 5.84
CA ALA A 283 7.14 -19.42 4.64
C ALA A 283 6.67 -18.57 3.45
N ARG A 284 6.26 -17.30 3.70
CA ARG A 284 5.72 -16.48 2.64
C ARG A 284 6.78 -16.10 1.62
N LEU A 285 6.35 -15.85 0.39
CA LEU A 285 7.22 -15.32 -0.66
C LEU A 285 7.73 -13.93 -0.24
N THR A 286 8.85 -13.50 -0.81
CA THR A 286 9.32 -12.15 -0.59
C THR A 286 8.79 -11.26 -1.71
N ALA A 287 8.76 -9.93 -1.52
CA ALA A 287 8.28 -9.09 -2.59
C ALA A 287 9.19 -9.20 -3.81
N LEU A 288 10.52 -9.33 -3.60
CA LEU A 288 11.44 -9.46 -4.73
C LEU A 288 11.15 -10.73 -5.54
N ARG A 289 10.85 -11.85 -4.87
CA ARG A 289 10.52 -13.10 -5.58
C ARG A 289 9.20 -12.92 -6.38
N ILE A 290 8.19 -12.26 -5.79
CA ILE A 290 6.93 -12.03 -6.51
C ILE A 290 7.20 -11.14 -7.73
N LYS A 291 8.04 -10.10 -7.57
CA LYS A 291 8.39 -9.21 -8.68
C LYS A 291 9.02 -10.03 -9.79
N LYS A 292 9.93 -10.94 -9.44
CA LYS A 292 10.62 -11.79 -10.43
C LYS A 292 9.63 -12.68 -11.18
N THR A 293 8.72 -13.35 -10.44
CA THR A 293 7.70 -14.23 -11.04
C THR A 293 6.77 -13.49 -11.99
N LEU A 294 6.31 -12.32 -11.58
CA LEU A 294 5.40 -11.54 -12.40
C LEU A 294 6.10 -10.90 -13.55
N SER A 295 7.41 -10.59 -13.42
CA SER A 295 8.17 -10.01 -14.53
C SER A 295 8.31 -11.06 -15.63
N GLN A 296 8.53 -12.32 -15.23
CA GLN A 296 8.63 -13.45 -16.15
C GLN A 296 7.28 -13.64 -16.88
N LEU A 297 6.15 -13.40 -16.16
CA LEU A 297 4.80 -13.51 -16.75
C LEU A 297 4.51 -12.36 -17.73
N SER A 298 4.90 -11.13 -17.38
CA SER A 298 4.73 -9.91 -18.19
C SER A 298 5.47 -10.06 -19.52
N GLN A 299 6.72 -10.58 -19.46
CA GLN A 299 7.56 -10.83 -20.63
C GLN A 299 6.87 -11.82 -21.59
N GLN A 300 6.33 -12.91 -21.02
CA GLN A 300 5.62 -13.97 -21.74
C GLN A 300 4.35 -13.44 -22.42
N GLU A 301 3.65 -12.48 -21.77
CA GLU A 301 2.40 -11.90 -22.29
C GLU A 301 2.60 -10.79 -23.33
N GLY A 302 3.81 -10.25 -23.42
CA GLY A 302 4.16 -9.19 -24.37
C GLY A 302 3.67 -7.82 -23.99
N ILE A 303 3.58 -7.54 -22.67
CA ILE A 303 3.10 -6.24 -22.18
C ILE A 303 4.09 -5.14 -22.50
C2 3WJ B . -5.17 10.32 -3.75
C3 3WJ B . -7.27 9.52 -2.93
N6 3WJ B . -5.66 10.51 -4.97
C7 3WJ B . -7.60 8.31 -3.50
C8 3WJ B . -8.28 10.40 -2.54
C9 3WJ B . -4.11 9.94 -1.20
C10 3WJ B . -3.24 10.43 -2.19
C11 3WJ B . -3.02 11.09 -4.59
C12 3WJ B . -4.89 10.95 -5.93
C13 3WJ B . -8.91 7.96 -3.71
C14 3WJ B . -9.60 10.05 -2.75
N1 3WJ B . -5.92 9.85 -2.73
C4 3WJ B . -5.38 9.67 -1.49
C5 3WJ B . -3.80 10.62 -3.53
O15 3WJ B . -2.09 10.69 -1.94
N16 3WJ B . -3.61 11.23 -5.77
N17 3WJ B . -1.69 11.39 -4.39
C18 3WJ B . -9.91 8.83 -3.32
N19 3WJ B . -11.26 8.47 -3.55
S SO4 C . -13.20 -1.90 5.86
O1 SO4 C . -13.20 -0.78 4.89
O2 SO4 C . -12.07 -2.81 5.64
O3 SO4 C . -13.08 -1.32 7.20
O4 SO4 C . -14.49 -2.60 5.82
#